data_1WKL
#
_entry.id   1WKL
#
_cell.length_a   122.897
_cell.length_b   122.897
_cell.length_c   105.492
_cell.angle_alpha   90.00
_cell.angle_beta   90.00
_cell.angle_gamma   120.00
#
_symmetry.space_group_name_H-M   'P 63 2 2'
#
loop_
_entity.id
_entity.type
_entity.pdbx_description
1 polymer 'nucleotide diphosphate kinase'
2 non-polymer 'PHOSPHONIC ACID'
3 non-polymer "ADENOSINE-5'-DIPHOSPHATE"
4 non-polymer 'MAGNESIUM ION'
5 non-polymer "ADENOSINE-5'-TRIPHOSPHATE"
6 water water
#
_entity_poly.entity_id   1
_entity_poly.type   'polypeptide(L)'
_entity_poly.pdbx_seq_one_letter_code
;MERTFVMIKPDGVRRGLVGEILARFERKGFRIAALKLMQISQELAERHYAEHREKPFFPGLVRFITSGPVVAMVLEGPGV
VAEVRKMMGATHPKDALPGTIRGDFATTIDENVIHGSATLEDAQREIALFFRPEELL
;
_entity_poly.pdbx_strand_id   A,B
#
loop_
_chem_comp.id
_chem_comp.type
_chem_comp.name
_chem_comp.formula
ADP non-polymer ADENOSINE-5'-DIPHOSPHATE 'C10 H15 N5 O10 P2'
ATP non-polymer ADENOSINE-5'-TRIPHOSPHATE 'C10 H16 N5 O13 P3'
MG non-polymer 'MAGNESIUM ION' 'Mg 2'
PHS non-polymer 'PHOSPHONIC ACID' 'H3 O3 P'
#
# COMPACT_ATOMS: atom_id res chain seq x y z
N MET A 1 -5.71 -12.59 14.59
CA MET A 1 -5.79 -13.87 13.83
C MET A 1 -6.78 -13.76 12.68
N GLU A 2 -7.98 -13.28 12.97
CA GLU A 2 -9.00 -13.13 11.94
C GLU A 2 -8.51 -12.16 10.86
N ARG A 3 -8.85 -12.46 9.61
CA ARG A 3 -8.42 -11.63 8.49
C ARG A 3 -9.56 -11.34 7.53
N THR A 4 -9.43 -10.23 6.82
CA THR A 4 -10.44 -9.86 5.83
C THR A 4 -9.72 -9.28 4.61
N PHE A 5 -10.35 -9.42 3.46
CA PHE A 5 -9.78 -8.89 2.23
C PHE A 5 -10.42 -7.55 1.94
N VAL A 6 -9.60 -6.59 1.52
CA VAL A 6 -10.09 -5.26 1.18
C VAL A 6 -9.47 -4.85 -0.15
N MET A 7 -10.23 -4.12 -0.93
CA MET A 7 -9.73 -3.67 -2.20
C MET A 7 -10.13 -2.23 -2.45
N ILE A 8 -9.15 -1.39 -2.73
CA ILE A 8 -9.43 -0.01 -3.06
C ILE A 8 -9.56 -0.09 -4.58
N LYS A 9 -10.78 0.13 -5.07
CA LYS A 9 -11.08 0.02 -6.50
C LYS A 9 -10.38 1.04 -7.38
N PRO A 10 -10.44 0.87 -8.72
CA PRO A 10 -9.80 1.78 -9.67
C PRO A 10 -10.09 3.27 -9.47
N ASP A 11 -11.32 3.60 -9.12
CA ASP A 11 -11.68 4.99 -8.89
C ASP A 11 -10.94 5.54 -7.67
N GLY A 12 -10.94 4.77 -6.58
CA GLY A 12 -10.26 5.19 -5.37
C GLY A 12 -8.78 5.43 -5.61
N VAL A 13 -8.17 4.57 -6.43
CA VAL A 13 -6.76 4.71 -6.73
C VAL A 13 -6.53 5.93 -7.62
N ARG A 14 -7.37 6.11 -8.64
CA ARG A 14 -7.22 7.24 -9.55
C ARG A 14 -7.46 8.59 -8.86
N ARG A 15 -8.31 8.59 -7.85
CA ARG A 15 -8.62 9.82 -7.13
C ARG A 15 -7.63 10.09 -5.98
N GLY A 16 -6.61 9.24 -5.85
CA GLY A 16 -5.59 9.41 -4.83
C GLY A 16 -6.08 9.27 -3.40
N LEU A 17 -6.93 8.28 -3.16
CA LEU A 17 -7.52 8.05 -1.84
C LEU A 17 -6.90 6.88 -1.07
N VAL A 18 -5.91 6.21 -1.66
CA VAL A 18 -5.30 5.04 -1.02
C VAL A 18 -4.73 5.29 0.38
N GLY A 19 -3.84 6.26 0.51
CA GLY A 19 -3.25 6.56 1.81
C GLY A 19 -4.31 6.92 2.85
N GLU A 20 -5.20 7.83 2.48
CA GLU A 20 -6.27 8.27 3.37
C GLU A 20 -7.09 7.10 3.91
N ILE A 21 -7.44 6.18 3.02
CA ILE A 21 -8.25 5.02 3.41
C ILE A 21 -7.43 4.06 4.27
N LEU A 22 -6.20 3.81 3.86
CA LEU A 22 -5.33 2.92 4.60
C LEU A 22 -5.09 3.49 6.01
N ALA A 23 -4.97 4.81 6.10
CA ALA A 23 -4.73 5.46 7.38
C ALA A 23 -5.89 5.19 8.34
N ARG A 24 -7.12 5.17 7.83
CA ARG A 24 -8.28 4.90 8.67
C ARG A 24 -8.14 3.51 9.33
N PHE A 25 -7.65 2.53 8.59
CA PHE A 25 -7.49 1.18 9.11
C PHE A 25 -6.33 1.06 10.12
N GLU A 26 -5.24 1.79 9.89
CA GLU A 26 -4.12 1.74 10.82
C GLU A 26 -4.53 2.46 12.11
N ARG A 27 -5.23 3.57 11.93
CA ARG A 27 -5.72 4.38 13.03
C ARG A 27 -6.66 3.53 13.90
N LYS A 28 -7.43 2.68 13.23
CA LYS A 28 -8.38 1.79 13.89
C LYS A 28 -7.62 0.75 14.71
N GLY A 29 -6.41 0.42 14.26
CA GLY A 29 -5.60 -0.55 14.97
C GLY A 29 -5.43 -1.91 14.29
N PHE A 30 -5.97 -2.07 13.09
CA PHE A 30 -5.82 -3.34 12.37
C PHE A 30 -4.40 -3.46 11.83
N ARG A 31 -3.95 -4.70 11.64
CA ARG A 31 -2.62 -4.94 11.12
C ARG A 31 -2.68 -5.23 9.62
N ILE A 32 -1.74 -4.69 8.86
CA ILE A 32 -1.69 -4.95 7.43
C ILE A 32 -0.94 -6.26 7.25
N ALA A 33 -1.65 -7.31 6.84
CA ALA A 33 -1.02 -8.61 6.67
C ALA A 33 -0.58 -8.86 5.22
N ALA A 34 -1.07 -8.02 4.32
CA ALA A 34 -0.73 -8.13 2.91
C ALA A 34 -1.15 -6.85 2.21
N LEU A 35 -0.41 -6.46 1.18
CA LEU A 35 -0.71 -5.24 0.44
C LEU A 35 -0.02 -5.24 -0.91
N LYS A 36 -0.73 -4.77 -1.93
CA LYS A 36 -0.13 -4.67 -3.25
C LYS A 36 -1.00 -3.97 -4.27
N LEU A 37 -0.36 -3.18 -5.12
CA LEU A 37 -1.05 -2.49 -6.20
C LEU A 37 -1.10 -3.59 -7.25
N MET A 38 -2.22 -3.73 -7.94
CA MET A 38 -2.33 -4.78 -8.95
C MET A 38 -3.41 -4.47 -9.98
N GLN A 39 -3.30 -5.14 -11.12
CA GLN A 39 -4.26 -4.98 -12.21
C GLN A 39 -5.10 -6.25 -12.17
N ILE A 40 -6.40 -6.10 -12.00
CA ILE A 40 -7.29 -7.26 -11.97
C ILE A 40 -7.41 -7.81 -13.38
N SER A 41 -7.09 -9.08 -13.57
CA SER A 41 -7.18 -9.71 -14.88
C SER A 41 -8.66 -9.99 -15.17
N GLN A 42 -8.98 -10.11 -16.45
CA GLN A 42 -10.34 -10.40 -16.89
C GLN A 42 -10.88 -11.61 -16.12
N GLU A 43 -10.04 -12.63 -16.00
CA GLU A 43 -10.41 -13.87 -15.31
C GLU A 43 -10.72 -13.64 -13.84
N LEU A 44 -9.81 -12.98 -13.13
CA LEU A 44 -10.01 -12.72 -11.71
C LEU A 44 -11.32 -11.96 -11.49
N ALA A 45 -11.54 -10.92 -12.31
CA ALA A 45 -12.76 -10.12 -12.17
C ALA A 45 -14.02 -10.98 -12.37
N GLU A 46 -13.96 -11.92 -13.30
CA GLU A 46 -15.10 -12.77 -13.56
C GLU A 46 -15.32 -13.77 -12.42
N ARG A 47 -14.23 -14.29 -11.86
CA ARG A 47 -14.32 -15.23 -10.75
C ARG A 47 -14.90 -14.50 -9.54
N HIS A 48 -14.30 -13.37 -9.21
CA HIS A 48 -14.71 -12.55 -8.07
C HIS A 48 -16.20 -12.19 -8.10
N TYR A 49 -16.69 -11.82 -9.28
CA TYR A 49 -18.10 -11.45 -9.41
C TYR A 49 -18.95 -12.53 -10.06
N ALA A 50 -18.52 -13.78 -9.93
CA ALA A 50 -19.26 -14.90 -10.51
C ALA A 50 -20.71 -14.82 -10.01
N GLU A 51 -20.85 -14.47 -8.74
CA GLU A 51 -22.15 -14.33 -8.08
C GLU A 51 -23.14 -13.55 -8.93
N HIS A 52 -22.66 -12.48 -9.57
CA HIS A 52 -23.52 -11.64 -10.40
C HIS A 52 -23.31 -11.87 -11.89
N ARG A 53 -22.83 -13.04 -12.27
CA ARG A 53 -22.57 -13.33 -13.68
C ARG A 53 -23.82 -13.22 -14.56
N GLU A 54 -24.97 -13.60 -14.01
CA GLU A 54 -26.23 -13.56 -14.76
C GLU A 54 -26.82 -12.16 -14.85
N LYS A 55 -26.61 -11.35 -13.81
CA LYS A 55 -27.12 -9.98 -13.77
C LYS A 55 -26.82 -9.20 -15.06
N PRO A 56 -27.48 -8.03 -15.23
CA PRO A 56 -27.29 -7.19 -16.42
C PRO A 56 -26.14 -6.18 -16.30
N PHE A 57 -25.78 -5.82 -15.07
CA PHE A 57 -24.70 -4.86 -14.86
C PHE A 57 -23.33 -5.54 -14.81
N PHE A 58 -23.33 -6.86 -14.93
CA PHE A 58 -22.10 -7.65 -14.88
C PHE A 58 -21.04 -7.15 -15.86
N PRO A 59 -21.37 -7.02 -17.15
CA PRO A 59 -20.38 -6.54 -18.13
C PRO A 59 -19.73 -5.21 -17.75
N GLY A 60 -20.57 -4.24 -17.39
CA GLY A 60 -20.06 -2.94 -17.02
C GLY A 60 -19.29 -2.98 -15.71
N LEU A 61 -19.65 -3.93 -14.86
CA LEU A 61 -18.99 -4.10 -13.56
C LEU A 61 -17.57 -4.58 -13.79
N VAL A 62 -17.43 -5.64 -14.60
CA VAL A 62 -16.13 -6.20 -14.93
C VAL A 62 -15.25 -5.17 -15.62
N ARG A 63 -15.86 -4.37 -16.48
CA ARG A 63 -15.14 -3.34 -17.21
C ARG A 63 -14.57 -2.30 -16.24
N PHE A 64 -15.35 -1.96 -15.21
CA PHE A 64 -14.92 -0.98 -14.22
C PHE A 64 -13.79 -1.51 -13.34
N ILE A 65 -14.00 -2.67 -12.74
CA ILE A 65 -13.01 -3.25 -11.84
C ILE A 65 -11.66 -3.54 -12.50
N THR A 66 -11.63 -3.57 -13.84
CA THR A 66 -10.39 -3.83 -14.57
C THR A 66 -9.93 -2.58 -15.35
N SER A 67 -10.68 -1.49 -15.18
CA SER A 67 -10.37 -0.23 -15.87
C SER A 67 -9.05 0.40 -15.45
N GLY A 68 -8.51 -0.02 -14.31
CA GLY A 68 -7.26 0.54 -13.84
C GLY A 68 -6.72 -0.24 -12.65
N PRO A 69 -5.52 0.09 -12.16
CA PRO A 69 -4.91 -0.61 -11.02
C PRO A 69 -5.74 -0.47 -9.74
N VAL A 70 -5.71 -1.49 -8.90
CA VAL A 70 -6.42 -1.44 -7.64
C VAL A 70 -5.40 -1.75 -6.56
N VAL A 71 -5.74 -1.43 -5.32
CA VAL A 71 -4.85 -1.74 -4.21
C VAL A 71 -5.55 -2.83 -3.42
N ALA A 72 -4.93 -4.00 -3.37
CA ALA A 72 -5.47 -5.14 -2.65
C ALA A 72 -4.75 -5.26 -1.32
N MET A 73 -5.48 -5.71 -0.31
CA MET A 73 -4.89 -5.88 1.01
C MET A 73 -5.67 -6.86 1.87
N VAL A 74 -5.03 -7.28 2.95
CA VAL A 74 -5.63 -8.16 3.93
C VAL A 74 -5.38 -7.49 5.26
N LEU A 75 -6.45 -7.24 6.01
CA LEU A 75 -6.36 -6.61 7.31
C LEU A 75 -6.56 -7.68 8.38
N GLU A 76 -5.82 -7.56 9.48
CA GLU A 76 -5.86 -8.53 10.55
C GLU A 76 -6.21 -7.88 11.89
N GLY A 77 -7.05 -8.56 12.67
CA GLY A 77 -7.44 -8.03 13.96
C GLY A 77 -8.76 -8.57 14.48
N PRO A 78 -9.08 -8.32 15.75
CA PRO A 78 -10.32 -8.78 16.39
C PRO A 78 -11.56 -8.37 15.59
N GLY A 79 -12.39 -9.36 15.25
CA GLY A 79 -13.60 -9.08 14.49
C GLY A 79 -13.41 -8.14 13.31
N VAL A 80 -12.20 -8.13 12.75
CA VAL A 80 -11.87 -7.26 11.62
C VAL A 80 -12.86 -7.36 10.44
N VAL A 81 -13.37 -8.56 10.17
CA VAL A 81 -14.32 -8.74 9.07
C VAL A 81 -15.57 -7.89 9.23
N ALA A 82 -16.23 -8.03 10.39
CA ALA A 82 -17.45 -7.27 10.65
C ALA A 82 -17.15 -5.78 10.83
N GLU A 83 -16.08 -5.45 11.54
CA GLU A 83 -15.73 -4.05 11.76
C GLU A 83 -15.37 -3.33 10.46
N VAL A 84 -14.60 -3.98 9.60
CA VAL A 84 -14.22 -3.37 8.33
C VAL A 84 -15.47 -3.15 7.49
N ARG A 85 -16.41 -4.09 7.58
CA ARG A 85 -17.65 -3.99 6.83
C ARG A 85 -18.44 -2.75 7.30
N LYS A 86 -18.46 -2.52 8.60
CA LYS A 86 -19.14 -1.37 9.16
C LYS A 86 -18.44 -0.07 8.76
N MET A 87 -17.11 -0.10 8.73
CA MET A 87 -16.32 1.08 8.36
C MET A 87 -16.55 1.53 6.94
N MET A 88 -16.75 0.58 6.03
CA MET A 88 -16.96 0.92 4.64
C MET A 88 -18.29 1.61 4.36
N GLY A 89 -19.33 1.21 5.09
CA GLY A 89 -20.64 1.80 4.88
C GLY A 89 -21.42 1.06 3.82
N ALA A 90 -22.69 1.43 3.67
CA ALA A 90 -23.59 0.81 2.70
C ALA A 90 -23.00 0.74 1.29
N THR A 91 -23.34 -0.34 0.58
CA THR A 91 -22.88 -0.58 -0.77
C THR A 91 -23.28 0.58 -1.69
N HIS A 92 -24.51 1.02 -1.58
CA HIS A 92 -25.00 2.15 -2.38
C HIS A 92 -24.63 3.41 -1.61
N PRO A 93 -23.63 4.16 -2.10
CA PRO A 93 -23.17 5.39 -1.45
C PRO A 93 -24.29 6.30 -0.92
N LYS A 94 -25.42 6.32 -1.63
CA LYS A 94 -26.55 7.14 -1.21
C LYS A 94 -27.03 6.78 0.21
N ASP A 95 -26.84 5.53 0.60
CA ASP A 95 -27.27 5.07 1.92
C ASP A 95 -26.12 4.95 2.93
N ALA A 96 -24.90 5.22 2.48
CA ALA A 96 -23.73 5.14 3.37
C ALA A 96 -23.70 6.37 4.27
N LEU A 97 -23.58 6.14 5.58
CA LEU A 97 -23.54 7.24 6.55
C LEU A 97 -22.21 7.97 6.61
N PRO A 98 -22.24 9.28 6.94
CA PRO A 98 -21.04 10.11 7.04
C PRO A 98 -20.12 9.50 8.10
N GLY A 99 -18.80 9.56 7.87
CA GLY A 99 -17.85 8.98 8.81
C GLY A 99 -17.46 7.60 8.29
N THR A 100 -18.28 7.12 7.36
CA THR A 100 -18.09 5.84 6.71
C THR A 100 -17.22 6.11 5.46
N ILE A 101 -16.44 5.12 5.02
CA ILE A 101 -15.59 5.34 3.83
C ILE A 101 -16.38 5.71 2.58
N ARG A 102 -17.40 4.94 2.25
CA ARG A 102 -18.20 5.26 1.07
C ARG A 102 -19.02 6.51 1.36
N GLY A 103 -19.40 6.70 2.61
CA GLY A 103 -20.16 7.86 2.99
C GLY A 103 -19.36 9.13 2.77
N ASP A 104 -18.06 9.07 3.02
CA ASP A 104 -17.21 10.24 2.86
C ASP A 104 -16.57 10.40 1.49
N PHE A 105 -16.38 9.30 0.77
CA PHE A 105 -15.72 9.37 -0.54
C PHE A 105 -16.47 8.96 -1.81
N ALA A 106 -17.55 8.21 -1.68
CA ALA A 106 -18.29 7.77 -2.86
C ALA A 106 -19.62 8.48 -3.08
N THR A 107 -20.00 8.60 -4.35
CA THR A 107 -21.27 9.23 -4.71
C THR A 107 -22.21 8.30 -5.48
N THR A 108 -21.66 7.35 -6.23
CA THR A 108 -22.48 6.42 -7.01
C THR A 108 -22.17 4.96 -6.72
N ILE A 109 -23.15 4.09 -6.98
CA ILE A 109 -23.00 2.65 -6.76
C ILE A 109 -21.99 2.03 -7.72
N ASP A 110 -21.95 2.53 -8.95
CA ASP A 110 -21.04 2.02 -9.97
C ASP A 110 -19.59 2.13 -9.54
N GLU A 111 -19.19 3.31 -9.08
CA GLU A 111 -17.82 3.54 -8.63
C GLU A 111 -17.87 3.83 -7.14
N ASN A 112 -17.92 2.78 -6.33
CA ASN A 112 -18.02 2.96 -4.90
C ASN A 112 -16.74 2.82 -4.08
N VAL A 113 -15.62 3.18 -4.70
CA VAL A 113 -14.31 3.22 -4.05
C VAL A 113 -13.66 2.01 -3.38
N ILE A 114 -14.44 1.21 -2.67
CA ILE A 114 -13.83 0.12 -1.93
C ILE A 114 -14.67 -1.15 -1.78
N HIS A 115 -13.98 -2.25 -1.50
CA HIS A 115 -14.61 -3.54 -1.27
C HIS A 115 -14.08 -4.14 0.02
N GLY A 116 -14.96 -4.82 0.76
CA GLY A 116 -14.54 -5.48 1.99
C GLY A 116 -15.26 -6.81 2.07
N SER A 117 -14.54 -7.88 2.38
CA SER A 117 -15.16 -9.19 2.47
C SER A 117 -16.43 -9.14 3.31
N ALA A 118 -17.50 -9.78 2.82
CA ALA A 118 -18.78 -9.78 3.50
C ALA A 118 -18.84 -10.70 4.72
N THR A 119 -18.13 -11.83 4.65
CA THR A 119 -18.10 -12.79 5.75
C THR A 119 -16.75 -13.47 5.87
N LEU A 120 -16.59 -14.30 6.89
CA LEU A 120 -15.33 -15.00 7.11
C LEU A 120 -15.02 -15.89 5.90
N GLU A 121 -16.04 -16.59 5.43
CA GLU A 121 -15.90 -17.49 4.29
C GLU A 121 -15.55 -16.74 3.02
N ASP A 122 -16.21 -15.61 2.79
CA ASP A 122 -15.91 -14.80 1.62
C ASP A 122 -14.47 -14.32 1.68
N ALA A 123 -14.04 -13.95 2.88
CA ALA A 123 -12.67 -13.48 3.11
C ALA A 123 -11.63 -14.53 2.73
N GLN A 124 -11.76 -15.72 3.31
CA GLN A 124 -10.82 -16.81 3.01
C GLN A 124 -10.73 -17.01 1.50
N ARG A 125 -11.88 -17.04 0.85
CA ARG A 125 -11.95 -17.24 -0.60
C ARG A 125 -11.33 -16.09 -1.40
N GLU A 126 -11.65 -14.86 -1.02
CA GLU A 126 -11.12 -13.70 -1.73
C GLU A 126 -9.61 -13.59 -1.58
N ILE A 127 -9.12 -13.86 -0.37
CA ILE A 127 -7.69 -13.80 -0.10
C ILE A 127 -6.89 -14.77 -0.97
N ALA A 128 -7.36 -16.02 -1.08
CA ALA A 128 -6.67 -17.01 -1.89
C ALA A 128 -6.75 -16.67 -3.37
N LEU A 129 -7.84 -15.98 -3.73
CA LEU A 129 -8.08 -15.58 -5.10
C LEU A 129 -7.25 -14.38 -5.57
N PHE A 130 -6.98 -13.44 -4.67
CA PHE A 130 -6.23 -12.22 -4.99
C PHE A 130 -4.75 -12.24 -4.65
N PHE A 131 -4.40 -12.95 -3.58
CA PHE A 131 -3.00 -13.01 -3.16
C PHE A 131 -2.41 -14.40 -3.29
N ARG A 132 -1.09 -14.47 -3.39
CA ARG A 132 -0.39 -15.74 -3.45
C ARG A 132 -0.16 -16.03 -1.97
N PRO A 133 -0.15 -17.31 -1.56
CA PRO A 133 0.06 -17.68 -0.16
C PRO A 133 1.24 -17.02 0.52
N GLU A 134 2.38 -16.96 -0.16
CA GLU A 134 3.59 -16.37 0.40
C GLU A 134 3.49 -14.85 0.58
N GLU A 135 2.47 -14.24 -0.01
CA GLU A 135 2.28 -12.79 0.09
C GLU A 135 1.60 -12.36 1.38
N LEU A 136 1.15 -13.32 2.17
CA LEU A 136 0.51 -13.03 3.44
C LEU A 136 1.58 -13.07 4.52
N LEU A 137 1.70 -12.00 5.29
CA LEU A 137 2.72 -11.93 6.33
C LEU A 137 2.14 -11.78 7.72
N MET B 1 7.10 9.81 -16.12
CA MET B 1 8.22 9.07 -16.78
C MET B 1 9.30 8.71 -15.74
N GLU B 2 9.96 9.72 -15.17
CA GLU B 2 10.98 9.46 -14.16
C GLU B 2 10.31 8.74 -12.99
N ARG B 3 11.06 7.88 -12.31
CA ARG B 3 10.51 7.15 -11.18
C ARG B 3 11.53 6.95 -10.07
N THR B 4 11.04 6.67 -8.87
CA THR B 4 11.93 6.43 -7.75
C THR B 4 11.42 5.30 -6.86
N PHE B 5 12.32 4.72 -6.09
CA PHE B 5 11.96 3.64 -5.18
C PHE B 5 11.87 4.21 -3.77
N VAL B 6 10.81 3.85 -3.07
CA VAL B 6 10.60 4.29 -1.69
C VAL B 6 10.27 3.07 -0.84
N MET B 7 10.78 3.06 0.38
CA MET B 7 10.51 1.97 1.30
C MET B 7 10.14 2.51 2.68
N ILE B 8 8.95 2.14 3.15
CA ILE B 8 8.55 2.55 4.48
C ILE B 8 9.13 1.41 5.31
N LYS B 9 10.10 1.75 6.17
CA LYS B 9 10.80 0.78 7.00
C LYS B 9 9.93 0.10 8.06
N PRO B 10 10.45 -0.97 8.70
CA PRO B 10 9.68 -1.70 9.73
C PRO B 10 9.09 -0.84 10.84
N ASP B 11 9.83 0.19 11.24
CA ASP B 11 9.34 1.08 12.29
C ASP B 11 8.15 1.90 11.79
N GLY B 12 8.20 2.32 10.53
CA GLY B 12 7.12 3.10 9.96
C GLY B 12 5.86 2.26 9.83
N VAL B 13 6.04 0.98 9.52
CA VAL B 13 4.89 0.08 9.37
C VAL B 13 4.26 -0.24 10.73
N ARG B 14 5.07 -0.60 11.71
CA ARG B 14 4.50 -0.93 13.02
C ARG B 14 3.88 0.27 13.72
N ARG B 15 4.34 1.47 13.40
CA ARG B 15 3.78 2.64 14.03
C ARG B 15 2.51 3.11 13.29
N GLY B 16 2.11 2.35 12.27
CA GLY B 16 0.91 2.68 11.50
C GLY B 16 0.95 3.99 10.73
N LEU B 17 2.08 4.27 10.09
CA LEU B 17 2.28 5.49 9.33
C LEU B 17 2.19 5.28 7.81
N VAL B 18 1.91 4.06 7.38
CA VAL B 18 1.85 3.79 5.94
C VAL B 18 0.87 4.67 5.18
N GLY B 19 -0.38 4.71 5.61
CA GLY B 19 -1.39 5.52 4.94
C GLY B 19 -1.07 7.01 4.91
N GLU B 20 -0.66 7.56 6.04
CA GLU B 20 -0.31 8.98 6.14
C GLU B 20 0.80 9.35 5.17
N ILE B 21 1.81 8.49 5.08
CA ILE B 21 2.94 8.73 4.19
C ILE B 21 2.51 8.62 2.71
N LEU B 22 1.75 7.58 2.39
CA LEU B 22 1.28 7.42 1.01
C LEU B 22 0.40 8.60 0.62
N ALA B 23 -0.42 9.06 1.56
CA ALA B 23 -1.32 10.20 1.33
C ALA B 23 -0.54 11.44 0.90
N ARG B 24 0.63 11.66 1.51
CA ARG B 24 1.44 12.82 1.15
C ARG B 24 1.90 12.73 -0.29
N PHE B 25 2.29 11.53 -0.73
CA PHE B 25 2.74 11.37 -2.10
C PHE B 25 1.59 11.51 -3.08
N GLU B 26 0.39 11.08 -2.67
CA GLU B 26 -0.78 11.20 -3.53
C GLU B 26 -1.25 12.64 -3.64
N ARG B 27 -1.28 13.36 -2.53
CA ARG B 27 -1.73 14.75 -2.58
C ARG B 27 -0.72 15.57 -3.36
N LYS B 28 0.54 15.14 -3.34
CA LYS B 28 1.60 15.82 -4.09
C LYS B 28 1.35 15.69 -5.59
N GLY B 29 0.73 14.58 -5.99
CA GLY B 29 0.44 14.37 -7.40
C GLY B 29 1.25 13.27 -8.07
N PHE B 30 2.03 12.53 -7.29
CA PHE B 30 2.82 11.45 -7.86
C PHE B 30 1.94 10.24 -8.12
N ARG B 31 2.32 9.43 -9.10
CA ARG B 31 1.58 8.23 -9.43
C ARG B 31 2.22 7.01 -8.76
N ILE B 32 1.40 6.13 -8.20
CA ILE B 32 1.93 4.93 -7.57
C ILE B 32 2.01 3.89 -8.70
N ALA B 33 3.24 3.50 -9.05
CA ALA B 33 3.44 2.54 -10.14
C ALA B 33 3.62 1.12 -9.63
N ALA B 34 3.94 0.98 -8.35
CA ALA B 34 4.13 -0.33 -7.73
C ALA B 34 4.00 -0.16 -6.22
N LEU B 35 3.54 -1.20 -5.54
CA LEU B 35 3.35 -1.15 -4.10
C LEU B 35 3.13 -2.55 -3.52
N LYS B 36 3.77 -2.84 -2.40
CA LYS B 36 3.60 -4.14 -1.78
C LYS B 36 4.22 -4.25 -0.39
N LEU B 37 3.55 -5.01 0.45
CA LEU B 37 4.04 -5.28 1.79
C LEU B 37 4.97 -6.48 1.56
N MET B 38 6.15 -6.47 2.18
CA MET B 38 7.06 -7.58 1.99
C MET B 38 7.99 -7.76 3.17
N GLN B 39 8.59 -8.94 3.25
CA GLN B 39 9.55 -9.25 4.30
C GLN B 39 10.89 -9.38 3.60
N ILE B 40 11.84 -8.54 4.02
CA ILE B 40 13.18 -8.58 3.43
C ILE B 40 13.97 -9.73 4.06
N SER B 41 14.56 -10.57 3.21
CA SER B 41 15.34 -11.69 3.70
C SER B 41 16.76 -11.23 4.03
N GLN B 42 17.50 -12.07 4.75
CA GLN B 42 18.87 -11.73 5.09
C GLN B 42 19.68 -11.44 3.84
N GLU B 43 19.69 -12.39 2.90
CA GLU B 43 20.43 -12.19 1.67
C GLU B 43 20.03 -10.90 0.98
N LEU B 44 18.72 -10.73 0.77
CA LEU B 44 18.20 -9.54 0.11
C LEU B 44 18.71 -8.27 0.75
N ALA B 45 18.61 -8.18 2.07
CA ALA B 45 19.06 -7.01 2.81
C ALA B 45 20.53 -6.70 2.51
N GLU B 46 21.37 -7.72 2.59
CA GLU B 46 22.80 -7.56 2.35
C GLU B 46 23.11 -7.14 0.92
N ARG B 47 22.36 -7.67 -0.04
CA ARG B 47 22.58 -7.31 -1.44
C ARG B 47 22.26 -5.84 -1.64
N HIS B 48 21.20 -5.37 -0.98
CA HIS B 48 20.80 -3.97 -1.08
C HIS B 48 21.90 -3.07 -0.56
N TYR B 49 22.60 -3.52 0.47
CA TYR B 49 23.71 -2.76 1.05
C TYR B 49 25.03 -3.40 0.59
N ALA B 50 25.50 -2.97 -0.59
CA ALA B 50 26.74 -3.52 -1.15
C ALA B 50 27.98 -2.68 -0.82
N GLU B 51 27.81 -1.37 -0.75
CA GLU B 51 28.92 -0.46 -0.44
C GLU B 51 29.04 -0.27 1.07
N HIS B 52 27.90 -0.24 1.75
CA HIS B 52 27.87 -0.09 3.20
C HIS B 52 28.34 -1.38 3.86
N ARG B 53 28.79 -2.34 3.05
CA ARG B 53 29.24 -3.63 3.56
C ARG B 53 30.44 -3.61 4.51
N GLU B 54 31.57 -3.09 4.04
CA GLU B 54 32.77 -3.03 4.87
C GLU B 54 32.64 -2.00 5.98
N LYS B 55 31.46 -1.38 6.08
CA LYS B 55 31.18 -0.38 7.10
C LYS B 55 30.88 -1.07 8.44
N PRO B 56 30.55 -0.28 9.48
CA PRO B 56 30.24 -0.84 10.80
C PRO B 56 28.81 -1.28 11.09
N PHE B 57 27.95 -0.31 11.39
CA PHE B 57 26.53 -0.55 11.72
C PHE B 57 25.80 -1.48 10.77
N PHE B 58 26.50 -1.91 9.72
CA PHE B 58 25.93 -2.80 8.71
C PHE B 58 25.03 -3.88 9.33
N PRO B 59 25.56 -4.68 10.28
CA PRO B 59 24.74 -5.72 10.91
C PRO B 59 23.53 -5.19 11.67
N GLY B 60 23.75 -4.11 12.42
CA GLY B 60 22.66 -3.52 13.19
C GLY B 60 21.57 -2.96 12.28
N LEU B 61 21.96 -2.62 11.06
CA LEU B 61 21.02 -2.08 10.08
C LEU B 61 20.18 -3.23 9.52
N VAL B 62 20.87 -4.25 9.00
CA VAL B 62 20.21 -5.43 8.44
C VAL B 62 19.22 -5.99 9.46
N ARG B 63 19.63 -5.97 10.73
CA ARG B 63 18.79 -6.47 11.82
C ARG B 63 17.46 -5.71 11.83
N PHE B 64 17.55 -4.39 11.73
CA PHE B 64 16.37 -3.54 11.74
C PHE B 64 15.53 -3.62 10.48
N ILE B 65 16.19 -3.58 9.32
CA ILE B 65 15.47 -3.62 8.06
C ILE B 65 14.74 -4.95 7.84
N THR B 66 15.17 -5.98 8.55
CA THR B 66 14.56 -7.30 8.42
C THR B 66 13.77 -7.63 9.69
N SER B 67 13.68 -6.67 10.61
CA SER B 67 12.99 -6.87 11.87
C SER B 67 11.49 -7.02 11.75
N GLY B 68 10.95 -6.68 10.57
CA GLY B 68 9.52 -6.78 10.36
C GLY B 68 9.16 -6.43 8.93
N PRO B 69 7.88 -6.52 8.54
CA PRO B 69 7.47 -6.20 7.17
C PRO B 69 7.74 -4.74 6.79
N VAL B 70 8.01 -4.52 5.51
CA VAL B 70 8.25 -3.17 5.02
C VAL B 70 7.28 -2.94 3.87
N VAL B 71 7.03 -1.68 3.54
CA VAL B 71 6.16 -1.37 2.41
C VAL B 71 7.03 -0.77 1.34
N ALA B 72 7.14 -1.46 0.22
CA ALA B 72 7.94 -1.01 -0.91
C ALA B 72 7.04 -0.41 -1.97
N MET B 73 7.56 0.58 -2.69
CA MET B 73 6.77 1.23 -3.72
C MET B 73 7.64 1.96 -4.75
N VAL B 74 7.02 2.27 -5.87
CA VAL B 74 7.68 3.02 -6.93
C VAL B 74 6.74 4.18 -7.18
N LEU B 75 7.29 5.38 -7.22
CA LEU B 75 6.51 6.59 -7.47
C LEU B 75 6.96 7.21 -8.78
N GLU B 76 6.02 7.75 -9.53
CA GLU B 76 6.33 8.37 -10.82
C GLU B 76 5.93 9.83 -10.85
N GLY B 77 6.71 10.63 -11.56
CA GLY B 77 6.41 12.04 -11.67
C GLY B 77 7.62 12.87 -12.06
N PRO B 78 7.41 14.14 -12.43
CA PRO B 78 8.48 15.06 -12.84
C PRO B 78 9.52 15.20 -11.72
N GLY B 79 10.78 14.93 -12.05
CA GLY B 79 11.85 15.03 -11.07
C GLY B 79 11.51 14.36 -9.74
N VAL B 80 10.75 13.28 -9.79
CA VAL B 80 10.34 12.58 -8.59
C VAL B 80 11.47 12.09 -7.67
N VAL B 81 12.62 11.74 -8.24
CA VAL B 81 13.71 11.27 -7.39
C VAL B 81 14.19 12.38 -6.44
N ALA B 82 14.56 13.53 -6.98
CA ALA B 82 15.01 14.64 -6.15
C ALA B 82 13.86 15.17 -5.29
N GLU B 83 12.66 15.22 -5.86
CA GLU B 83 11.50 15.72 -5.14
C GLU B 83 11.19 14.87 -3.91
N VAL B 84 11.31 13.54 -4.03
CA VAL B 84 11.04 12.68 -2.90
C VAL B 84 12.13 12.78 -1.83
N ARG B 85 13.38 12.99 -2.24
CA ARG B 85 14.45 13.15 -1.27
C ARG B 85 14.13 14.39 -0.45
N LYS B 86 13.61 15.43 -1.12
CA LYS B 86 13.26 16.67 -0.44
C LYS B 86 12.08 16.45 0.50
N MET B 87 11.11 15.65 0.07
CA MET B 87 9.94 15.40 0.92
C MET B 87 10.29 14.57 2.16
N MET B 88 11.28 13.70 2.04
CA MET B 88 11.66 12.87 3.18
C MET B 88 12.44 13.66 4.22
N GLY B 89 13.25 14.60 3.76
CA GLY B 89 14.06 15.37 4.68
C GLY B 89 15.38 14.69 4.94
N ALA B 90 16.23 15.33 5.75
CA ALA B 90 17.54 14.80 6.07
C ALA B 90 17.47 13.38 6.62
N THR B 91 18.50 12.59 6.32
CA THR B 91 18.59 11.21 6.79
C THR B 91 18.46 11.14 8.32
N HIS B 92 19.15 12.05 9.00
CA HIS B 92 19.08 12.09 10.45
C HIS B 92 17.93 13.02 10.82
N PRO B 93 16.88 12.48 11.48
CA PRO B 93 15.71 13.26 11.88
C PRO B 93 16.00 14.62 12.50
N LYS B 94 17.06 14.70 13.31
CA LYS B 94 17.38 15.97 13.96
C LYS B 94 17.67 17.09 12.97
N ASP B 95 18.13 16.73 11.77
CA ASP B 95 18.44 17.74 10.77
C ASP B 95 17.35 17.86 9.71
N ALA B 96 16.30 17.04 9.82
CA ALA B 96 15.21 17.10 8.86
C ALA B 96 14.26 18.21 9.28
N LEU B 97 13.85 19.05 8.32
CA LEU B 97 12.97 20.14 8.65
C LEU B 97 11.50 19.75 8.84
N PRO B 98 10.79 20.52 9.66
CA PRO B 98 9.36 20.24 9.90
C PRO B 98 8.69 20.33 8.54
N GLY B 99 7.71 19.47 8.28
CA GLY B 99 7.05 19.48 6.99
C GLY B 99 7.51 18.29 6.16
N THR B 100 8.72 17.80 6.44
CA THR B 100 9.24 16.63 5.73
C THR B 100 8.79 15.40 6.52
N ILE B 101 8.85 14.23 5.88
CA ILE B 101 8.42 12.99 6.53
C ILE B 101 9.23 12.65 7.78
N ARG B 102 10.56 12.66 7.66
CA ARG B 102 11.39 12.36 8.81
C ARG B 102 11.35 13.49 9.84
N GLY B 103 11.13 14.73 9.36
CA GLY B 103 11.03 15.86 10.28
C GLY B 103 9.78 15.79 11.14
N ASP B 104 8.68 15.30 10.56
CA ASP B 104 7.43 15.20 11.29
C ASP B 104 7.18 13.85 12.01
N PHE B 105 7.79 12.78 11.52
CA PHE B 105 7.54 11.45 12.10
C PHE B 105 8.69 10.70 12.81
N ALA B 106 9.94 11.10 12.59
CA ALA B 106 11.06 10.39 13.20
C ALA B 106 11.90 11.16 14.20
N THR B 107 12.59 10.44 15.09
CA THR B 107 13.45 11.05 16.10
C THR B 107 14.89 10.53 16.10
N THR B 108 15.12 9.35 15.52
CA THR B 108 16.46 8.78 15.49
C THR B 108 16.84 8.32 14.08
N ILE B 109 18.14 8.34 13.79
CA ILE B 109 18.60 7.90 12.48
C ILE B 109 18.46 6.39 12.37
N ASP B 110 18.56 5.71 13.52
CA ASP B 110 18.42 4.23 13.58
C ASP B 110 17.09 3.82 12.97
N GLU B 111 16.03 4.49 13.39
CA GLU B 111 14.69 4.21 12.91
C GLU B 111 14.17 5.51 12.31
N ASN B 112 14.61 5.82 11.10
CA ASN B 112 14.18 7.05 10.46
C ASN B 112 13.01 6.89 9.50
N VAL B 113 12.16 5.91 9.83
CA VAL B 113 10.91 5.64 9.12
C VAL B 113 10.86 5.36 7.63
N ILE B 114 11.69 6.02 6.84
CA ILE B 114 11.60 5.83 5.40
C ILE B 114 12.92 5.91 4.64
N HIS B 115 12.92 5.35 3.45
CA HIS B 115 14.07 5.37 2.55
C HIS B 115 13.58 5.76 1.15
N GLY B 116 14.40 6.54 0.44
CA GLY B 116 14.06 6.95 -0.91
C GLY B 116 15.32 6.93 -1.76
N SER B 117 15.24 6.44 -3.00
CA SER B 117 16.42 6.39 -3.88
C SER B 117 17.19 7.70 -3.96
N ALA B 118 18.51 7.61 -3.85
CA ALA B 118 19.37 8.78 -3.89
C ALA B 118 19.54 9.36 -5.29
N THR B 119 19.51 8.49 -6.29
CA THR B 119 19.68 8.90 -7.69
C THR B 119 18.81 8.03 -8.58
N LEU B 120 18.67 8.43 -9.84
CA LEU B 120 17.88 7.66 -10.81
C LEU B 120 18.46 6.26 -10.96
N GLU B 121 19.79 6.16 -10.93
CA GLU B 121 20.47 4.87 -11.06
C GLU B 121 20.25 3.99 -9.84
N ASP B 122 20.28 4.57 -8.66
CA ASP B 122 20.02 3.82 -7.43
C ASP B 122 18.59 3.30 -7.51
N ALA B 123 17.70 4.14 -8.00
CA ALA B 123 16.28 3.78 -8.11
C ALA B 123 16.09 2.57 -9.03
N GLN B 124 16.71 2.60 -10.21
CA GLN B 124 16.59 1.48 -11.14
C GLN B 124 17.11 0.21 -10.47
N ARG B 125 18.26 0.34 -9.82
CA ARG B 125 18.87 -0.77 -9.11
C ARG B 125 17.95 -1.31 -8.02
N GLU B 126 17.38 -0.42 -7.22
CA GLU B 126 16.49 -0.83 -6.13
C GLU B 126 15.18 -1.42 -6.63
N ILE B 127 14.66 -0.88 -7.73
CA ILE B 127 13.41 -1.39 -8.31
C ILE B 127 13.59 -2.81 -8.83
N ALA B 128 14.71 -3.06 -9.52
CA ALA B 128 14.99 -4.39 -10.06
C ALA B 128 15.21 -5.39 -8.93
N LEU B 129 15.71 -4.89 -7.80
CA LEU B 129 16.01 -5.76 -6.66
C LEU B 129 14.81 -6.10 -5.77
N PHE B 130 13.90 -5.15 -5.57
CA PHE B 130 12.76 -5.38 -4.70
C PHE B 130 11.45 -5.76 -5.39
N PHE B 131 11.35 -5.49 -6.68
CA PHE B 131 10.14 -5.79 -7.44
C PHE B 131 10.40 -6.68 -8.66
N ARG B 132 9.44 -7.55 -8.96
CA ARG B 132 9.54 -8.37 -10.16
C ARG B 132 9.01 -7.43 -11.22
N PRO B 133 9.41 -7.61 -12.48
CA PRO B 133 8.94 -6.75 -13.57
C PRO B 133 7.42 -6.61 -13.68
N GLU B 134 6.70 -7.73 -13.52
CA GLU B 134 5.25 -7.72 -13.63
C GLU B 134 4.53 -6.94 -12.53
N GLU B 135 5.27 -6.58 -11.48
CA GLU B 135 4.68 -5.82 -10.38
C GLU B 135 4.66 -4.32 -10.66
N LEU B 136 5.30 -3.91 -11.76
CA LEU B 136 5.34 -2.50 -12.16
C LEU B 136 4.14 -2.23 -13.06
N LEU B 137 3.36 -1.21 -12.73
CA LEU B 137 2.18 -0.88 -13.53
C LEU B 137 2.16 0.56 -14.02
P PHS C . -16.35 -6.37 -4.23
O1P PHS C . -17.56 -7.30 -4.23
O2P PHS C . -15.72 -6.19 -5.59
O3P PHS C . -16.70 -5.02 -3.58
PB ADP D . -19.74 -3.95 -2.65
O1B ADP D . -19.04 -3.90 -1.34
O2B ADP D . -20.14 -2.61 -3.18
O3B ADP D . -18.93 -4.79 -3.69
PA ADP D . -21.35 -6.29 -2.18
O1A ADP D . -20.05 -7.02 -1.89
O2A ADP D . -22.45 -6.53 -1.17
O3A ADP D . -21.07 -4.74 -2.33
O5' ADP D . -21.67 -6.77 -3.67
C5' ADP D . -22.25 -5.89 -4.68
C4' ADP D . -21.42 -5.83 -5.98
O4' ADP D . -22.26 -5.71 -7.17
C3' ADP D . -20.44 -4.66 -6.16
O3' ADP D . -19.33 -5.14 -6.95
C2' ADP D . -21.30 -3.59 -6.83
O2' ADP D . -20.58 -2.58 -7.56
C1' ADP D . -22.19 -4.40 -7.76
N9 ADP D . -23.53 -3.75 -7.94
C8 ADP D . -24.67 -3.93 -7.22
N7 ADP D . -25.70 -3.17 -7.68
C5 ADP D . -25.16 -2.49 -8.72
C6 ADP D . -25.75 -1.51 -9.62
N6 ADP D . -26.96 -1.08 -9.59
N1 ADP D . -24.87 -1.04 -10.58
C2 ADP D . -23.53 -1.45 -10.69
N3 ADP D . -22.99 -2.35 -9.86
C4 ADP D . -23.83 -2.83 -8.90
MG MG E . 16.58 7.74 1.77
PG ATP F . 18.62 5.80 3.39
O1G ATP F . 18.60 6.18 4.83
O2G ATP F . 18.64 4.27 3.21
O3G ATP F . 17.39 6.38 2.71
PB ATP F . 20.41 7.95 2.91
O1B ATP F . 20.16 8.25 4.33
O2B ATP F . 19.81 8.96 1.94
O3B ATP F . 19.90 6.47 2.66
PA ATP F . 23.06 6.93 3.48
O1A ATP F . 23.97 6.36 2.46
O2A ATP F . 23.81 7.76 4.51
O3A ATP F . 21.99 7.82 2.72
O5' ATP F . 22.19 5.76 4.16
C5' ATP F . 21.98 5.77 5.55
C4' ATP F . 21.72 4.36 6.08
O4' ATP F . 22.54 4.15 7.21
C3' ATP F . 20.29 4.21 6.52
O3' ATP F . 19.84 2.91 6.11
C2' ATP F . 20.38 4.42 8.05
O2' ATP F . 19.38 3.91 8.86
C1' ATP F . 21.73 3.87 8.36
N9 ATP F . 22.52 4.47 9.50
C8 ATP F . 23.47 5.47 9.38
N7 ATP F . 23.92 5.74 10.58
C5 ATP F . 23.32 4.97 11.51
C6 ATP F . 23.37 4.79 12.91
N6 ATP F . 24.13 5.46 13.75
N1 ATP F . 22.55 3.84 13.51
C2 ATP F . 21.69 3.07 12.78
N3 ATP F . 21.61 3.21 11.42
C4 ATP F . 22.42 4.15 10.80
#